data_9QAP
#
_entry.id   9QAP
#
_cell.length_a   59.72
_cell.length_b   85.652
_cell.length_c   135.73
_cell.angle_alpha   90
_cell.angle_beta   90
_cell.angle_gamma   90
#
_symmetry.space_group_name_H-M   'P 21 21 21'
#
loop_
_entity.id
_entity.type
_entity.pdbx_description
1 polymer 'Angiotensin-converting enzyme, soluble form'
2 branched alpha-D-mannopyranose-(1-3)-alpha-D-mannopyranose-(1-6)-beta-D-mannopyranose-(1-4)-2-acetamido-2-deoxy-beta-D-glucopyranose-(1-4)-[alpha-L-fucopyranose-(1-6)]2-acetamido-2-deoxy-beta-D-glucopyranose
3 non-polymer 'ZINC ION'
4 non-polymer quinaprilat
5 non-polymer IMIDAZOLE
6 non-polymer GLYCEROL
7 non-polymer 'BORIC ACID'
8 non-polymer 1,2-ETHANEDIOL
9 non-polymer DI(HYDROXYETHYL)ETHER
10 non-polymer 'CHLORIDE ION'
11 non-polymer 'SODIUM ION'
12 water water
#
_entity_poly.entity_id   1
_entity_poly.type   'polypeptide(L)'
_entity_poly.pdbx_seq_one_letter_code
;DEAEASKFVEEYDRTSQVVWNEYAGANWNYNTNITTETSKILLQKNMQIAQHTLKYGTQARKFDVNQLQNTTIKRIIKKV
QDLERAALPAQELEEYNKILLDMETTYSVATVCHPQGSCLQLEPDLTNVMATSRKYEDLLWAWEGWRDKAGRAILQFYPK
YVELINQAARLNGYVDAGDSWRSMYETPSLEQDLERLFQELQPLYLNLHAYVRRALHRHYGAQHINLEGPIPAHLLGNMW
AQTWSNIYDLVVPFPSAPSMDTTEAMLKQGWTPRRMFKEADDFFTSLGLLPVPPEFWQKSMLEKPTDGREVVCHASAWDF
YNGKDFRIKQCTTVNLEDLVVAHHEMGHIQYFMQYKDLPVALREGANPGFHEAIGDVLALSVSTPKHLHSLNLLSSEGGS
DEHDINFLMKMALDKIAFIPFSYLVDQWRWRVFDGSITKENYNQEWWSLRLKYQGL(CSO)PPVPRTQGDFDPGAKFHIP
SSVPYIRYFVSFIIQFQFHEALCQAAGHTGPLHKCDIYQSKEAGQRLATAMKLGFSRPWPEAMQLITGQPQMSASAMLSY
FKPLLDWLRTENELHGEKLGWP
;
_entity_poly.pdbx_strand_id   A
#
# COMPACT_ATOMS: atom_id res chain seq x y z
N ASP A 1 -17.59 33.27 -19.68
CA ASP A 1 -16.24 32.66 -19.88
C ASP A 1 -15.73 32.04 -18.57
N GLU A 2 -15.49 32.84 -17.52
CA GLU A 2 -15.40 32.31 -16.16
C GLU A 2 -16.72 31.60 -15.82
N ALA A 3 -17.86 32.18 -16.24
CA ALA A 3 -19.15 31.55 -16.01
C ALA A 3 -19.30 30.25 -16.80
N GLU A 4 -18.78 30.16 -18.03
CA GLU A 4 -18.87 28.92 -18.79
C GLU A 4 -18.05 27.82 -18.11
N ALA A 5 -16.91 28.20 -17.51
CA ALA A 5 -16.07 27.19 -16.89
C ALA A 5 -16.82 26.63 -15.67
N SER A 6 -17.48 27.51 -14.96
CA SER A 6 -18.21 27.18 -13.76
C SER A 6 -19.36 26.22 -14.07
N LYS A 7 -20.17 26.57 -15.09
CA LYS A 7 -21.23 25.70 -15.57
C LYS A 7 -20.64 24.32 -15.93
N PHE A 8 -19.47 24.39 -16.58
CA PHE A 8 -18.78 23.24 -17.11
C PHE A 8 -18.53 22.23 -15.96
N VAL A 9 -17.93 22.70 -14.89
CA VAL A 9 -17.56 21.77 -13.84
C VAL A 9 -18.81 21.29 -13.10
N GLU A 10 -19.89 22.07 -13.06
CA GLU A 10 -21.11 21.57 -12.40
C GLU A 10 -21.71 20.41 -13.22
N GLU A 11 -21.70 20.52 -14.55
CA GLU A 11 -22.20 19.43 -15.37
C GLU A 11 -21.31 18.17 -15.22
N TYR A 12 -20.01 18.38 -15.31
CA TYR A 12 -19.05 17.29 -15.13
C TYR A 12 -19.31 16.54 -13.82
N ASP A 13 -19.51 17.29 -12.74
CA ASP A 13 -19.69 16.67 -11.43
C ASP A 13 -20.95 15.81 -11.36
N ARG A 14 -22.06 16.41 -11.82
N ARG A 14 -22.10 16.35 -11.79
CA ARG A 14 -23.37 15.74 -11.80
CA ARG A 14 -23.36 15.60 -11.70
C ARG A 14 -23.27 14.41 -12.56
C ARG A 14 -23.23 14.33 -12.54
N THR A 15 -22.73 14.46 -13.77
CA THR A 15 -22.72 13.32 -14.69
C THR A 15 -21.65 12.29 -14.28
N SER A 16 -20.51 12.78 -13.83
CA SER A 16 -19.45 11.88 -13.38
C SER A 16 -19.93 11.03 -12.21
N GLN A 17 -20.63 11.62 -11.25
CA GLN A 17 -21.08 10.81 -10.13
C GLN A 17 -21.92 9.62 -10.60
N VAL A 18 -22.81 9.87 -11.59
CA VAL A 18 -23.62 8.78 -12.10
C VAL A 18 -22.78 7.67 -12.76
N VAL A 19 -21.94 8.07 -13.74
CA VAL A 19 -21.24 7.14 -14.58
C VAL A 19 -20.21 6.39 -13.74
N TRP A 20 -19.53 7.10 -12.82
CA TRP A 20 -18.51 6.43 -12.04
C TRP A 20 -19.14 5.45 -11.04
N ASN A 21 -20.32 5.79 -10.51
CA ASN A 21 -21.07 4.91 -9.63
C ASN A 21 -21.38 3.60 -10.34
N GLU A 22 -21.81 3.69 -11.61
CA GLU A 22 -22.12 2.51 -12.40
C GLU A 22 -20.88 1.67 -12.69
N TYR A 23 -19.78 2.35 -13.00
CA TYR A 23 -18.53 1.64 -13.26
C TYR A 23 -18.06 0.89 -12.00
N ALA A 24 -18.05 1.61 -10.87
CA ALA A 24 -17.62 1.01 -9.61
C ALA A 24 -18.44 -0.24 -9.27
N GLY A 25 -19.77 -0.17 -9.49
CA GLY A 25 -20.63 -1.31 -9.29
C GLY A 25 -20.16 -2.54 -10.06
N ALA A 26 -19.91 -2.32 -11.34
CA ALA A 26 -19.54 -3.41 -12.22
C ALA A 26 -18.18 -3.95 -11.80
N ASN A 27 -17.28 -3.02 -11.44
CA ASN A 27 -15.92 -3.40 -11.01
C ASN A 27 -15.96 -4.23 -9.74
N TRP A 28 -16.74 -3.77 -8.79
CA TRP A 28 -17.00 -4.53 -7.56
C TRP A 28 -17.54 -5.92 -7.85
N ASN A 29 -18.55 -5.99 -8.75
CA ASN A 29 -19.19 -7.26 -9.03
C ASN A 29 -18.20 -8.26 -9.63
N TYR A 30 -17.30 -7.80 -10.47
CA TYR A 30 -16.27 -8.67 -11.03
C TYR A 30 -15.29 -9.10 -9.92
N ASN A 31 -14.86 -8.13 -9.10
CA ASN A 31 -13.84 -8.38 -8.11
C ASN A 31 -14.35 -9.36 -7.04
N THR A 32 -15.68 -9.43 -6.84
CA THR A 32 -16.27 -10.25 -5.82
C THR A 32 -16.94 -11.49 -6.41
N ASN A 33 -16.81 -11.70 -7.73
CA ASN A 33 -17.38 -12.82 -8.41
C ASN A 33 -16.79 -12.87 -9.83
N ILE A 34 -15.59 -13.41 -9.94
CA ILE A 34 -14.92 -13.49 -11.23
C ILE A 34 -15.65 -14.50 -12.10
N THR A 35 -16.30 -14.04 -13.18
CA THR A 35 -17.01 -14.92 -14.10
C THR A 35 -16.95 -14.32 -15.50
N THR A 36 -17.29 -15.10 -16.54
CA THR A 36 -17.34 -14.51 -17.87
C THR A 36 -18.44 -13.44 -17.95
N GLU A 37 -19.56 -13.61 -17.22
CA GLU A 37 -20.65 -12.63 -17.23
C GLU A 37 -20.27 -11.30 -16.55
N THR A 38 -19.71 -11.30 -15.33
CA THR A 38 -19.34 -10.04 -14.68
C THR A 38 -18.18 -9.36 -15.41
N SER A 39 -17.33 -10.16 -16.06
CA SER A 39 -16.24 -9.62 -16.86
C SER A 39 -16.74 -8.84 -18.07
N LYS A 40 -17.68 -9.46 -18.79
CA LYS A 40 -18.30 -8.80 -19.93
C LYS A 40 -18.91 -7.46 -19.50
N ILE A 41 -19.67 -7.48 -18.40
CA ILE A 41 -20.35 -6.26 -17.97
C ILE A 41 -19.31 -5.20 -17.63
N LEU A 42 -18.24 -5.62 -16.95
CA LEU A 42 -17.13 -4.74 -16.63
C LEU A 42 -16.49 -4.16 -17.89
N LEU A 43 -16.15 -5.00 -18.89
CA LEU A 43 -15.41 -4.49 -20.05
C LEU A 43 -16.31 -3.53 -20.80
N GLN A 44 -17.64 -3.75 -20.74
CA GLN A 44 -18.60 -2.81 -21.29
C GLN A 44 -18.69 -1.47 -20.52
N LYS A 45 -18.79 -1.53 -19.21
CA LYS A 45 -18.87 -0.30 -18.43
C LYS A 45 -17.59 0.52 -18.59
N ASN A 46 -16.46 -0.16 -18.87
CA ASN A 46 -15.20 0.49 -19.24
C ASN A 46 -15.41 1.43 -20.42
N MET A 47 -16.19 0.96 -21.40
CA MET A 47 -16.38 1.74 -22.61
C MET A 47 -17.28 2.95 -22.32
N GLN A 48 -18.24 2.80 -21.40
CA GLN A 48 -19.12 3.90 -20.99
C GLN A 48 -18.34 5.00 -20.29
N ILE A 49 -17.53 4.66 -19.28
CA ILE A 49 -16.73 5.67 -18.57
C ILE A 49 -15.75 6.27 -19.54
N ALA A 50 -15.18 5.48 -20.46
CA ALA A 50 -14.24 6.04 -21.43
C ALA A 50 -14.90 7.10 -22.29
N GLN A 51 -16.14 6.83 -22.75
CA GLN A 51 -16.89 7.74 -23.60
C GLN A 51 -17.16 9.06 -22.84
N HIS A 52 -17.50 8.95 -21.54
CA HIS A 52 -17.75 10.10 -20.71
C HIS A 52 -16.47 10.90 -20.51
N THR A 53 -15.39 10.21 -20.20
CA THR A 53 -14.09 10.84 -19.97
C THR A 53 -13.64 11.59 -21.22
N LEU A 54 -13.80 10.93 -22.37
CA LEU A 54 -13.44 11.52 -23.64
C LEU A 54 -14.26 12.79 -23.88
N LYS A 55 -15.59 12.68 -23.65
CA LYS A 55 -16.46 13.82 -23.90
C LYS A 55 -16.05 15.04 -23.06
N TYR A 56 -15.97 14.86 -21.74
CA TYR A 56 -15.73 16.00 -20.86
C TYR A 56 -14.27 16.43 -20.89
N GLY A 57 -13.34 15.49 -21.09
CA GLY A 57 -11.93 15.84 -21.24
C GLY A 57 -11.65 16.65 -22.50
N THR A 58 -12.33 16.29 -23.60
CA THR A 58 -12.24 17.05 -24.83
C THR A 58 -12.70 18.50 -24.57
N GLN A 59 -13.84 18.66 -23.88
CA GLN A 59 -14.39 19.98 -23.62
C GLN A 59 -13.45 20.74 -22.66
N ALA A 60 -12.91 20.03 -21.66
CA ALA A 60 -11.99 20.68 -20.75
C ALA A 60 -10.75 21.24 -21.46
N ARG A 61 -10.24 20.56 -22.49
CA ARG A 61 -9.04 21.03 -23.19
C ARG A 61 -9.31 22.29 -24.03
N LYS A 62 -10.60 22.62 -24.22
CA LYS A 62 -11.02 23.81 -24.97
C LYS A 62 -10.78 25.06 -24.12
N PHE A 63 -10.73 24.95 -22.78
CA PHE A 63 -10.47 26.11 -21.93
C PHE A 63 -8.96 26.35 -21.88
N ASP A 64 -8.55 27.64 -21.81
CA ASP A 64 -7.20 28.05 -21.45
C ASP A 64 -7.18 28.31 -19.95
N VAL A 65 -6.68 27.34 -19.20
CA VAL A 65 -6.58 27.43 -17.77
C VAL A 65 -5.63 28.56 -17.37
N ASN A 66 -4.71 28.97 -18.27
CA ASN A 66 -3.84 30.12 -18.01
C ASN A 66 -4.67 31.40 -17.83
N GLN A 67 -5.94 31.40 -18.27
CA GLN A 67 -6.75 32.61 -18.25
C GLN A 67 -7.79 32.55 -17.12
N LEU A 68 -7.94 31.38 -16.48
CA LEU A 68 -9.06 31.20 -15.55
C LEU A 68 -8.70 31.82 -14.21
N GLN A 69 -9.66 32.51 -13.60
CA GLN A 69 -9.43 33.26 -12.38
C GLN A 69 -9.65 32.42 -11.13
N ASN A 70 -10.78 31.70 -11.07
CA ASN A 70 -11.13 30.92 -9.88
C ASN A 70 -10.24 29.69 -9.81
N THR A 71 -9.48 29.57 -8.70
CA THR A 71 -8.39 28.60 -8.61
C THR A 71 -8.94 27.19 -8.42
N THR A 72 -10.11 27.04 -7.79
CA THR A 72 -10.76 25.73 -7.68
C THR A 72 -11.15 25.23 -9.07
N ILE A 73 -11.86 26.07 -9.84
CA ILE A 73 -12.38 25.70 -11.15
C ILE A 73 -11.20 25.40 -12.12
N LYS A 74 -10.14 26.23 -12.05
CA LYS A 74 -8.92 26.04 -12.82
C LYS A 74 -8.33 24.65 -12.52
N ARG A 75 -8.20 24.34 -11.24
CA ARG A 75 -7.64 23.08 -10.82
C ARG A 75 -8.47 21.88 -11.31
N ILE A 76 -9.79 21.98 -11.20
CA ILE A 76 -10.67 20.92 -11.64
C ILE A 76 -10.53 20.74 -13.15
N ILE A 77 -10.56 21.85 -13.88
CA ILE A 77 -10.50 21.74 -15.31
C ILE A 77 -9.16 21.15 -15.74
N LYS A 78 -8.07 21.60 -15.12
CA LYS A 78 -6.75 21.08 -15.44
C LYS A 78 -6.75 19.56 -15.29
N LYS A 79 -7.30 19.06 -14.19
CA LYS A 79 -7.35 17.62 -13.94
C LYS A 79 -8.19 16.87 -14.99
N VAL A 80 -9.34 17.42 -15.38
CA VAL A 80 -10.23 16.76 -16.32
C VAL A 80 -9.65 16.73 -17.74
N GLN A 81 -8.65 17.57 -18.01
CA GLN A 81 -7.89 17.55 -19.25
C GLN A 81 -7.12 16.26 -19.47
N ASP A 82 -6.87 15.53 -18.37
CA ASP A 82 -6.14 14.25 -18.40
C ASP A 82 -7.19 13.14 -18.59
N LEU A 83 -7.23 12.58 -19.80
CA LEU A 83 -8.20 11.55 -20.13
C LEU A 83 -7.77 10.17 -19.63
N GLU A 84 -6.53 10.01 -19.12
CA GLU A 84 -5.97 8.70 -18.81
C GLU A 84 -6.14 7.79 -20.04
N ARG A 85 -6.59 6.54 -19.84
CA ARG A 85 -6.70 5.59 -20.93
C ARG A 85 -7.69 6.00 -22.03
N ALA A 86 -8.65 6.85 -21.70
CA ALA A 86 -9.66 7.30 -22.65
C ALA A 86 -9.08 8.13 -23.79
N ALA A 87 -7.79 8.50 -23.66
CA ALA A 87 -7.08 9.15 -24.76
C ALA A 87 -6.73 8.19 -25.92
N LEU A 88 -6.70 6.90 -25.62
CA LEU A 88 -6.25 5.93 -26.58
C LEU A 88 -7.28 5.81 -27.68
N PRO A 89 -6.87 5.55 -28.92
CA PRO A 89 -7.83 5.14 -29.92
C PRO A 89 -8.56 3.86 -29.52
N ALA A 90 -9.69 3.60 -30.17
CA ALA A 90 -10.59 2.56 -29.74
C ALA A 90 -9.93 1.18 -29.72
N GLN A 91 -9.12 0.88 -30.73
CA GLN A 91 -8.53 -0.46 -30.82
C GLN A 91 -7.61 -0.69 -29.63
N GLU A 92 -6.76 0.29 -29.39
CA GLU A 92 -5.80 0.24 -28.31
C GLU A 92 -6.50 0.24 -26.95
N LEU A 93 -7.57 1.01 -26.80
CA LEU A 93 -8.28 1.04 -25.54
C LEU A 93 -8.82 -0.34 -25.20
N GLU A 94 -9.44 -0.96 -26.21
CA GLU A 94 -10.02 -2.28 -26.01
C GLU A 94 -8.92 -3.27 -25.61
N GLU A 95 -7.77 -3.23 -26.30
CA GLU A 95 -6.66 -4.14 -26.03
C GLU A 95 -6.11 -3.92 -24.62
N TYR A 96 -5.93 -2.65 -24.25
CA TYR A 96 -5.45 -2.29 -22.93
C TYR A 96 -6.40 -2.75 -21.84
N ASN A 97 -7.71 -2.46 -21.96
CA ASN A 97 -8.67 -2.89 -20.93
C ASN A 97 -8.57 -4.41 -20.69
N LYS A 98 -8.48 -5.18 -21.80
CA LYS A 98 -8.41 -6.63 -21.78
C LYS A 98 -7.11 -7.10 -21.09
N ILE A 99 -6.01 -6.42 -21.41
CA ILE A 99 -4.74 -6.80 -20.81
C ILE A 99 -4.86 -6.58 -19.30
N LEU A 100 -5.40 -5.45 -18.87
CA LEU A 100 -5.46 -5.18 -17.44
C LEU A 100 -6.34 -6.22 -16.76
N LEU A 101 -7.49 -6.57 -17.36
CA LEU A 101 -8.37 -7.55 -16.74
C LEU A 101 -7.68 -8.92 -16.64
N ASP A 102 -7.01 -9.29 -17.73
CA ASP A 102 -6.33 -10.58 -17.83
C ASP A 102 -5.21 -10.68 -16.80
N MET A 103 -4.40 -9.60 -16.65
CA MET A 103 -3.37 -9.59 -15.63
C MET A 103 -3.96 -9.76 -14.23
N GLU A 104 -4.96 -8.98 -13.89
CA GLU A 104 -5.44 -9.02 -12.52
C GLU A 104 -6.13 -10.36 -12.25
N THR A 105 -6.85 -10.89 -13.24
CA THR A 105 -7.51 -12.18 -13.06
C THR A 105 -6.45 -13.31 -12.90
N THR A 106 -5.42 -13.31 -13.75
CA THR A 106 -4.34 -14.29 -13.66
C THR A 106 -3.71 -14.28 -12.26
N TYR A 107 -3.39 -13.09 -11.75
CA TYR A 107 -2.82 -13.04 -10.42
C TYR A 107 -3.77 -13.62 -9.37
N SER A 108 -5.06 -13.25 -9.43
CA SER A 108 -5.97 -13.52 -8.35
C SER A 108 -6.43 -14.98 -8.32
N VAL A 109 -6.32 -15.73 -9.45
CA VAL A 109 -6.75 -17.13 -9.48
C VAL A 109 -5.59 -18.15 -9.52
N ALA A 110 -4.35 -17.69 -9.52
CA ALA A 110 -3.19 -18.57 -9.56
C ALA A 110 -3.08 -19.43 -8.31
N THR A 111 -2.67 -20.70 -8.46
CA THR A 111 -2.55 -21.61 -7.35
C THR A 111 -1.27 -22.39 -7.51
N VAL A 112 -0.75 -22.92 -6.40
CA VAL A 112 0.48 -23.70 -6.40
C VAL A 112 0.17 -25.09 -5.84
N CYS A 113 0.42 -26.12 -6.65
CA CYS A 113 -0.08 -27.46 -6.39
C CYS A 113 1.02 -28.46 -6.03
N HIS A 114 0.77 -29.28 -5.01
CA HIS A 114 1.54 -30.51 -4.79
C HIS A 114 1.02 -31.61 -5.71
N PRO A 115 1.89 -32.40 -6.40
CA PRO A 115 1.37 -33.44 -7.29
C PRO A 115 0.65 -34.51 -6.48
N GLN A 116 -0.49 -34.95 -7.03
CA GLN A 116 -1.36 -35.87 -6.33
C GLN A 116 -1.58 -35.33 -4.91
N GLY A 117 -1.58 -34.00 -4.74
CA GLY A 117 -1.83 -33.39 -3.44
C GLY A 117 -2.67 -32.12 -3.59
N SER A 118 -2.67 -31.25 -2.58
CA SER A 118 -3.58 -30.12 -2.64
C SER A 118 -2.94 -28.94 -3.39
N CYS A 119 -3.83 -27.99 -3.78
CA CYS A 119 -3.40 -26.77 -4.45
C CYS A 119 -3.65 -25.56 -3.57
N LEU A 120 -2.63 -24.74 -3.35
CA LEU A 120 -2.73 -23.65 -2.40
C LEU A 120 -2.91 -22.35 -3.15
N GLN A 121 -3.73 -21.49 -2.57
CA GLN A 121 -3.87 -20.11 -3.03
C GLN A 121 -3.04 -19.18 -2.17
N LEU A 122 -2.80 -17.99 -2.69
CA LEU A 122 -1.92 -17.07 -1.99
C LEU A 122 -2.55 -16.72 -0.65
N GLU A 123 -3.81 -16.29 -0.69
CA GLU A 123 -4.55 -15.96 0.51
C GLU A 123 -5.58 -17.05 0.76
N PRO A 124 -5.56 -17.82 1.87
CA PRO A 124 -4.61 -17.67 2.98
C PRO A 124 -3.41 -18.62 2.99
N ASP A 125 -3.37 -19.59 2.07
CA ASP A 125 -2.54 -20.75 2.28
C ASP A 125 -1.05 -20.41 2.20
N LEU A 126 -0.64 -19.79 1.09
CA LEU A 126 0.79 -19.52 0.91
C LEU A 126 1.26 -18.43 1.85
N THR A 127 0.38 -17.48 2.15
CA THR A 127 0.67 -16.45 3.15
C THR A 127 1.05 -17.11 4.49
N ASN A 128 0.22 -18.09 4.85
CA ASN A 128 0.38 -18.81 6.12
C ASN A 128 1.69 -19.59 6.16
N VAL A 129 2.02 -20.25 5.01
CA VAL A 129 3.27 -20.98 4.95
C VAL A 129 4.46 -20.04 5.17
N MET A 130 4.45 -18.93 4.44
CA MET A 130 5.56 -17.99 4.55
C MET A 130 5.70 -17.40 5.95
N ALA A 131 4.56 -17.20 6.65
CA ALA A 131 4.61 -16.61 7.97
C ALA A 131 5.06 -17.62 9.03
N THR A 132 4.70 -18.91 8.90
CA THR A 132 4.84 -19.82 10.01
C THR A 132 5.87 -20.92 9.82
N SER A 133 6.18 -21.30 8.55
CA SER A 133 7.14 -22.39 8.38
C SER A 133 8.54 -21.95 8.77
N ARG A 134 9.25 -22.84 9.47
CA ARG A 134 10.67 -22.59 9.76
C ARG A 134 11.60 -23.58 9.06
N LYS A 135 11.12 -24.14 7.95
CA LYS A 135 11.87 -25.15 7.22
C LYS A 135 12.23 -24.58 5.85
N TYR A 136 13.52 -24.51 5.58
CA TYR A 136 14.06 -23.91 4.36
C TYR A 136 13.33 -24.43 3.13
N GLU A 137 13.22 -25.74 3.01
CA GLU A 137 12.68 -26.34 1.81
C GLU A 137 11.18 -26.06 1.63
N ASP A 138 10.44 -25.98 2.74
CA ASP A 138 9.02 -25.71 2.63
C ASP A 138 8.77 -24.28 2.22
N LEU A 139 9.52 -23.35 2.81
CA LEU A 139 9.46 -21.93 2.41
C LEU A 139 9.89 -21.76 0.95
N LEU A 140 10.87 -22.56 0.51
CA LEU A 140 11.38 -22.46 -0.85
C LEU A 140 10.28 -22.91 -1.81
N TRP A 141 9.57 -23.99 -1.46
CA TRP A 141 8.50 -24.49 -2.29
C TRP A 141 7.43 -23.44 -2.57
N ALA A 142 7.02 -22.76 -1.50
CA ALA A 142 5.96 -21.76 -1.62
C ALA A 142 6.51 -20.56 -2.39
N TRP A 143 7.74 -20.12 -2.04
CA TRP A 143 8.34 -18.93 -2.64
C TRP A 143 8.51 -19.09 -4.16
N GLU A 144 9.16 -20.19 -4.54
CA GLU A 144 9.39 -20.48 -5.94
C GLU A 144 8.11 -20.79 -6.71
N GLY A 145 7.25 -21.59 -6.09
CA GLY A 145 6.01 -21.97 -6.73
C GLY A 145 5.13 -20.78 -7.05
N TRP A 146 5.02 -19.84 -6.11
CA TRP A 146 4.20 -18.65 -6.37
C TRP A 146 4.74 -17.88 -7.57
N ARG A 147 6.06 -17.71 -7.64
CA ARG A 147 6.68 -17.08 -8.82
C ARG A 147 6.45 -17.84 -10.12
N ASP A 148 6.57 -19.15 -10.08
CA ASP A 148 6.38 -19.99 -11.24
C ASP A 148 4.96 -19.84 -11.77
N LYS A 149 3.96 -19.81 -10.86
CA LYS A 149 2.56 -19.85 -11.30
C LYS A 149 1.94 -18.48 -11.53
N ALA A 150 2.30 -17.49 -10.71
CA ALA A 150 1.78 -16.12 -10.90
C ALA A 150 2.73 -15.28 -11.72
N GLY A 151 4.00 -15.19 -11.33
CA GLY A 151 4.92 -14.32 -12.04
C GLY A 151 5.08 -14.67 -13.51
N ARG A 152 5.46 -15.94 -13.75
CA ARG A 152 5.71 -16.33 -15.13
C ARG A 152 4.47 -16.11 -15.98
N ALA A 153 3.26 -16.29 -15.40
CA ALA A 153 2.02 -16.14 -16.17
C ALA A 153 1.64 -14.69 -16.54
N ILE A 154 2.20 -13.70 -15.86
CA ILE A 154 1.98 -12.30 -16.16
C ILE A 154 2.89 -11.86 -17.32
N LEU A 155 4.05 -12.52 -17.52
CA LEU A 155 5.05 -12.00 -18.43
C LEU A 155 4.47 -11.78 -19.83
N GLN A 156 3.62 -12.68 -20.33
CA GLN A 156 3.15 -12.52 -21.70
C GLN A 156 2.40 -11.21 -21.95
N PHE A 157 1.83 -10.58 -20.88
CA PHE A 157 1.03 -9.39 -21.03
C PHE A 157 1.84 -8.11 -20.85
N TYR A 158 3.00 -8.17 -20.18
CA TYR A 158 3.60 -6.98 -19.57
C TYR A 158 4.17 -6.03 -20.64
N PRO A 159 4.90 -6.48 -21.66
CA PRO A 159 5.40 -5.55 -22.66
C PRO A 159 4.32 -4.73 -23.38
N LYS A 160 3.21 -5.38 -23.71
CA LYS A 160 2.14 -4.64 -24.35
C LYS A 160 1.49 -3.67 -23.35
N TYR A 161 1.25 -4.14 -22.12
CA TYR A 161 0.81 -3.22 -21.09
C TYR A 161 1.65 -1.95 -21.05
N VAL A 162 2.97 -2.11 -21.01
CA VAL A 162 3.87 -0.98 -20.92
C VAL A 162 3.69 -0.08 -22.14
N GLU A 163 3.61 -0.68 -23.34
CA GLU A 163 3.44 0.11 -24.53
C GLU A 163 2.18 0.98 -24.41
N LEU A 164 1.09 0.34 -23.98
CA LEU A 164 -0.19 1.03 -24.04
C LEU A 164 -0.35 2.07 -22.92
N ILE A 165 0.12 1.76 -21.70
CA ILE A 165 0.04 2.74 -20.63
C ILE A 165 0.93 3.95 -20.94
N ASN A 166 2.09 3.69 -21.58
CA ASN A 166 2.96 4.77 -21.99
C ASN A 166 2.33 5.60 -23.14
N GLN A 167 1.64 4.93 -24.05
CA GLN A 167 0.98 5.62 -25.16
C GLN A 167 -0.10 6.57 -24.61
N ALA A 168 -0.90 6.09 -23.66
CA ALA A 168 -1.91 6.92 -23.00
C ALA A 168 -1.28 8.12 -22.31
N ALA A 169 -0.19 7.88 -21.61
CA ALA A 169 0.47 8.97 -20.88
C ALA A 169 0.95 10.04 -21.86
N ARG A 170 1.52 9.63 -23.01
CA ARG A 170 2.01 10.59 -24.00
C ARG A 170 0.86 11.40 -24.56
N LEU A 171 -0.26 10.74 -24.82
CA LEU A 171 -1.43 11.42 -25.36
C LEU A 171 -2.05 12.41 -24.38
N ASN A 172 -1.67 12.30 -23.09
CA ASN A 172 -2.11 13.26 -22.08
C ASN A 172 -1.05 14.28 -21.70
N GLY A 173 0.08 14.32 -22.45
CA GLY A 173 1.07 15.37 -22.26
C GLY A 173 2.27 14.95 -21.43
N TYR A 174 2.35 13.67 -21.00
CA TYR A 174 3.51 13.22 -20.22
C TYR A 174 4.51 12.51 -21.13
N VAL A 175 5.71 12.27 -20.61
CA VAL A 175 6.68 11.61 -21.47
C VAL A 175 6.54 10.08 -21.42
N ASP A 176 6.00 9.50 -20.32
CA ASP A 176 5.81 8.07 -20.10
C ASP A 176 4.87 7.94 -18.88
N ALA A 177 4.44 6.72 -18.59
CA ALA A 177 3.50 6.47 -17.50
C ALA A 177 4.11 6.80 -16.16
N GLY A 178 5.43 6.65 -16.03
CA GLY A 178 6.06 6.96 -14.75
C GLY A 178 6.02 8.45 -14.41
N ASP A 179 6.26 9.26 -15.41
CA ASP A 179 6.13 10.71 -15.35
C ASP A 179 4.74 11.09 -14.89
N SER A 180 3.73 10.45 -15.51
N SER A 180 3.74 10.42 -15.49
CA SER A 180 2.36 10.71 -15.16
CA SER A 180 2.38 10.74 -15.15
C SER A 180 2.10 10.35 -13.70
C SER A 180 2.07 10.34 -13.71
N TRP A 181 2.60 9.22 -13.25
CA TRP A 181 2.34 8.77 -11.89
C TRP A 181 2.96 9.75 -10.90
N ARG A 182 4.23 10.10 -11.17
CA ARG A 182 4.96 10.99 -10.25
C ARG A 182 4.28 12.35 -10.16
N SER A 183 3.60 12.74 -11.23
CA SER A 183 2.94 14.04 -11.27
C SER A 183 1.88 14.18 -10.18
N MET A 184 1.40 13.02 -9.66
CA MET A 184 0.33 13.08 -8.68
C MET A 184 0.73 13.84 -7.42
N TYR A 185 2.05 13.92 -7.17
CA TYR A 185 2.59 14.61 -5.99
C TYR A 185 2.76 16.12 -6.21
N GLU A 186 2.64 16.61 -7.47
CA GLU A 186 2.82 18.05 -7.77
C GLU A 186 4.11 18.62 -7.15
N THR A 187 5.20 17.85 -7.19
CA THR A 187 6.43 18.16 -6.49
C THR A 187 7.62 17.97 -7.42
N PRO A 188 8.13 19.04 -8.07
CA PRO A 188 9.20 18.87 -9.06
C PRO A 188 10.40 18.12 -8.50
N SER A 189 10.70 18.38 -7.21
CA SER A 189 11.85 17.80 -6.55
C SER A 189 11.60 16.39 -6.01
N LEU A 190 10.52 15.71 -6.41
CA LEU A 190 10.13 14.46 -5.77
C LEU A 190 11.27 13.43 -5.73
N GLU A 191 11.93 13.17 -6.88
CA GLU A 191 12.90 12.10 -6.87
C GLU A 191 14.03 12.39 -5.86
N GLN A 192 14.53 13.63 -5.82
CA GLN A 192 15.59 13.94 -4.87
C GLN A 192 15.08 13.87 -3.44
N ASP A 193 13.85 14.35 -3.23
CA ASP A 193 13.33 14.34 -1.86
C ASP A 193 13.20 12.93 -1.32
N LEU A 194 12.69 12.01 -2.14
CA LEU A 194 12.53 10.61 -1.76
C LEU A 194 13.90 9.96 -1.49
N GLU A 195 14.87 10.24 -2.37
N GLU A 195 14.87 10.23 -2.37
CA GLU A 195 16.22 9.69 -2.23
CA GLU A 195 16.19 9.66 -2.18
C GLU A 195 16.85 10.12 -0.91
C GLU A 195 16.82 10.11 -0.87
N ARG A 196 16.67 11.39 -0.52
CA ARG A 196 17.20 11.87 0.74
C ARG A 196 16.52 11.20 1.94
N LEU A 197 15.23 10.93 1.87
CA LEU A 197 14.52 10.23 2.92
C LEU A 197 15.02 8.80 3.07
N PHE A 198 15.22 8.15 1.92
CA PHE A 198 15.71 6.79 1.92
C PHE A 198 17.11 6.74 2.57
N GLN A 199 18.00 7.65 2.20
CA GLN A 199 19.33 7.71 2.79
C GLN A 199 19.31 7.88 4.31
N GLU A 200 18.35 8.62 4.83
CA GLU A 200 18.30 8.86 6.26
C GLU A 200 17.95 7.60 7.01
N LEU A 201 17.22 6.67 6.39
N LEU A 201 17.23 6.66 6.40
CA LEU A 201 16.80 5.42 7.02
CA LEU A 201 16.81 5.45 7.10
C LEU A 201 17.83 4.31 6.91
C LEU A 201 17.79 4.29 6.85
N GLN A 202 18.89 4.53 6.12
CA GLN A 202 19.88 3.50 5.94
C GLN A 202 20.60 3.01 7.18
N PRO A 203 21.06 3.85 8.13
CA PRO A 203 21.66 3.30 9.35
C PRO A 203 20.77 2.28 10.03
N LEU A 204 19.52 2.64 10.22
CA LEU A 204 18.56 1.77 10.92
C LEU A 204 18.36 0.49 10.11
N TYR A 205 18.12 0.58 8.79
CA TYR A 205 17.91 -0.61 8.00
C TYR A 205 19.13 -1.53 7.95
N LEU A 206 20.34 -0.97 7.75
CA LEU A 206 21.52 -1.82 7.70
C LEU A 206 21.77 -2.54 9.04
N ASN A 207 21.52 -1.83 10.16
CA ASN A 207 21.63 -2.45 11.48
C ASN A 207 20.61 -3.57 11.73
N LEU A 208 19.34 -3.32 11.33
CA LEU A 208 18.30 -4.32 11.45
C LEU A 208 18.65 -5.53 10.58
N HIS A 209 19.08 -5.28 9.35
CA HIS A 209 19.42 -6.34 8.40
C HIS A 209 20.52 -7.24 9.02
N ALA A 210 21.59 -6.63 9.55
CA ALA A 210 22.70 -7.43 10.05
C ALA A 210 22.27 -8.28 11.26
N TYR A 211 21.44 -7.69 12.11
CA TYR A 211 20.94 -8.36 13.30
C TYR A 211 20.09 -9.56 12.91
N VAL A 212 19.17 -9.35 11.98
CA VAL A 212 18.31 -10.41 11.52
C VAL A 212 19.12 -11.50 10.81
N ARG A 213 20.07 -11.10 9.93
CA ARG A 213 20.95 -12.04 9.28
C ARG A 213 21.67 -12.98 10.29
N ARG A 214 22.18 -12.38 11.37
CA ARG A 214 22.80 -13.17 12.44
C ARG A 214 21.83 -14.24 12.99
N ALA A 215 20.59 -13.82 13.29
CA ALA A 215 19.59 -14.73 13.85
C ALA A 215 19.24 -15.85 12.88
N LEU A 216 19.12 -15.48 11.61
CA LEU A 216 18.82 -16.48 10.60
C LEU A 216 19.96 -17.48 10.51
N HIS A 217 21.20 -17.00 10.65
CA HIS A 217 22.37 -17.87 10.67
C HIS A 217 22.26 -18.91 11.79
N ARG A 218 21.79 -18.48 12.96
CA ARG A 218 21.60 -19.38 14.08
C ARG A 218 20.58 -20.46 13.76
N HIS A 219 19.47 -20.11 13.12
CA HIS A 219 18.41 -21.11 12.91
C HIS A 219 18.64 -21.98 11.65
N TYR A 220 18.98 -21.33 10.53
CA TYR A 220 18.97 -21.99 9.22
C TYR A 220 20.33 -22.59 8.91
N GLY A 221 21.35 -22.20 9.71
CA GLY A 221 22.67 -22.82 9.67
C GLY A 221 23.70 -22.02 8.87
N ALA A 222 24.96 -22.16 9.26
CA ALA A 222 26.06 -21.42 8.63
C ALA A 222 26.21 -21.69 7.13
N GLN A 223 25.84 -22.90 6.71
CA GLN A 223 25.98 -23.28 5.32
C GLN A 223 24.94 -22.58 4.45
N HIS A 224 23.94 -21.97 5.06
CA HIS A 224 22.87 -21.33 4.29
C HIS A 224 22.76 -19.82 4.44
N ILE A 225 23.55 -19.21 5.36
CA ILE A 225 23.54 -17.78 5.62
C ILE A 225 24.98 -17.28 5.61
N ASN A 226 25.25 -16.35 4.70
CA ASN A 226 26.56 -15.70 4.65
C ASN A 226 26.49 -14.42 5.48
N LEU A 227 27.24 -14.35 6.57
CA LEU A 227 27.18 -13.24 7.49
C LEU A 227 27.72 -11.94 6.91
N GLU A 228 28.31 -11.98 5.69
CA GLU A 228 28.75 -10.80 5.00
C GLU A 228 27.99 -10.59 3.69
N GLY A 229 26.90 -11.33 3.50
CA GLY A 229 26.21 -11.33 2.23
C GLY A 229 24.72 -10.99 2.37
N PRO A 230 24.01 -11.00 1.23
CA PRO A 230 22.58 -10.80 1.25
C PRO A 230 21.84 -11.96 1.86
N ILE A 231 20.62 -11.69 2.29
CA ILE A 231 19.75 -12.68 2.96
C ILE A 231 18.85 -13.34 1.92
N PRO A 232 18.76 -14.67 1.95
CA PRO A 232 17.83 -15.35 1.04
C PRO A 232 16.39 -14.86 1.22
N ALA A 233 15.74 -14.54 0.08
CA ALA A 233 14.51 -13.77 0.07
C ALA A 233 13.26 -14.53 0.57
N HIS A 234 13.37 -15.85 0.88
CA HIS A 234 12.22 -16.63 1.30
C HIS A 234 12.18 -16.83 2.83
N LEU A 235 13.10 -16.19 3.60
CA LEU A 235 13.25 -16.47 5.02
C LEU A 235 12.70 -15.40 5.96
N LEU A 236 11.98 -14.40 5.46
CA LEU A 236 11.64 -13.23 6.24
C LEU A 236 10.18 -13.19 6.65
N GLY A 237 9.43 -14.26 6.41
CA GLY A 237 8.11 -14.36 7.01
C GLY A 237 6.97 -13.92 6.11
N ASN A 238 7.31 -13.48 4.90
CA ASN A 238 6.42 -12.76 3.99
C ASN A 238 6.84 -13.10 2.57
N MET A 239 5.85 -13.21 1.68
CA MET A 239 6.09 -13.67 0.33
C MET A 239 7.12 -12.82 -0.42
N TRP A 240 7.12 -11.49 -0.12
CA TRP A 240 7.97 -10.54 -0.80
C TRP A 240 9.10 -10.02 0.06
N ALA A 241 9.19 -10.56 1.26
CA ALA A 241 10.18 -10.04 2.24
C ALA A 241 10.07 -8.51 2.38
N GLN A 242 8.83 -8.03 2.34
CA GLN A 242 8.55 -6.64 2.47
C GLN A 242 8.37 -6.16 3.91
N THR A 243 7.86 -7.08 4.73
CA THR A 243 7.68 -6.88 6.16
C THR A 243 8.13 -8.20 6.81
N TRP A 244 8.78 -8.10 7.98
CA TRP A 244 9.52 -9.22 8.54
C TRP A 244 8.98 -9.68 9.89
N SER A 245 7.92 -9.06 10.42
CA SER A 245 7.63 -9.37 11.82
C SER A 245 7.08 -10.77 12.05
N ASN A 246 6.75 -11.54 11.02
CA ASN A 246 6.35 -12.91 11.27
C ASN A 246 7.55 -13.79 11.66
N ILE A 247 8.81 -13.32 11.55
CA ILE A 247 9.93 -14.07 12.09
C ILE A 247 10.42 -13.45 13.40
N TYR A 248 9.57 -12.70 14.08
CA TYR A 248 9.95 -12.15 15.39
C TYR A 248 10.47 -13.23 16.33
N ASP A 249 9.81 -14.42 16.31
CA ASP A 249 10.20 -15.50 17.24
C ASP A 249 11.66 -15.90 17.04
N LEU A 250 12.19 -15.71 15.83
CA LEU A 250 13.58 -16.10 15.57
C LEU A 250 14.60 -15.03 16.02
N VAL A 251 14.14 -13.80 16.28
CA VAL A 251 15.03 -12.69 16.50
C VAL A 251 14.78 -11.95 17.82
N VAL A 252 13.93 -12.47 18.68
CA VAL A 252 13.51 -11.78 19.87
C VAL A 252 14.74 -11.34 20.69
N PRO A 253 14.91 -10.01 20.95
CA PRO A 253 16.05 -9.51 21.70
C PRO A 253 16.13 -10.09 23.11
N PHE A 254 14.97 -10.20 23.80
CA PHE A 254 14.94 -10.57 25.19
C PHE A 254 13.90 -11.67 25.42
N PRO A 255 14.31 -12.93 25.21
CA PRO A 255 13.42 -14.07 25.33
C PRO A 255 12.69 -14.17 26.67
N SER A 256 13.29 -13.67 27.75
CA SER A 256 12.68 -13.89 29.04
C SER A 256 11.48 -12.98 29.26
N ALA A 257 11.28 -11.95 28.41
CA ALA A 257 10.18 -10.99 28.63
C ALA A 257 8.82 -11.53 28.16
N THR A 262 -0.40 -13.20 20.02
CA THR A 262 -1.81 -12.74 19.91
C THR A 262 -2.73 -13.62 19.04
N THR A 263 -2.25 -14.45 18.10
CA THR A 263 -3.21 -15.16 17.23
C THR A 263 -4.07 -16.12 18.04
N GLU A 264 -3.44 -16.90 18.93
CA GLU A 264 -4.19 -17.81 19.79
C GLU A 264 -5.28 -17.08 20.60
N ALA A 265 -4.92 -15.93 21.15
CA ALA A 265 -5.86 -15.15 21.96
C ALA A 265 -7.02 -14.63 21.13
N MET A 266 -6.71 -14.08 19.95
CA MET A 266 -7.79 -13.61 19.09
C MET A 266 -8.75 -14.75 18.74
N LEU A 267 -8.23 -15.92 18.34
CA LEU A 267 -9.08 -17.03 17.97
C LEU A 267 -9.89 -17.50 19.18
N LYS A 268 -9.20 -17.80 20.27
CA LYS A 268 -9.87 -18.37 21.43
C LYS A 268 -10.94 -17.42 22.00
N GLN A 269 -10.67 -16.11 22.00
CA GLN A 269 -11.60 -15.12 22.53
C GLN A 269 -12.68 -14.74 21.50
N GLY A 270 -12.74 -15.43 20.38
CA GLY A 270 -13.92 -15.35 19.51
C GLY A 270 -13.86 -14.21 18.49
N TRP A 271 -12.68 -13.65 18.23
CA TRP A 271 -12.56 -12.63 17.19
C TRP A 271 -12.92 -13.24 15.83
N THR A 272 -13.51 -12.38 14.99
CA THR A 272 -14.01 -12.69 13.68
C THR A 272 -13.62 -11.52 12.78
N PRO A 273 -13.65 -11.68 11.44
CA PRO A 273 -13.47 -10.54 10.55
C PRO A 273 -14.36 -9.35 10.93
N ARG A 274 -15.64 -9.61 11.17
N ARG A 274 -15.65 -9.61 11.15
CA ARG A 274 -16.54 -8.50 11.47
CA ARG A 274 -16.58 -8.56 11.51
C ARG A 274 -16.16 -7.81 12.79
C ARG A 274 -16.09 -7.81 12.76
N ARG A 275 -15.69 -8.56 13.80
CA ARG A 275 -15.27 -7.94 15.05
C ARG A 275 -14.02 -7.08 14.84
N MET A 276 -13.12 -7.53 13.96
CA MET A 276 -11.90 -6.82 13.65
C MET A 276 -12.23 -5.45 13.04
N PHE A 277 -13.15 -5.42 12.09
CA PHE A 277 -13.57 -4.16 11.46
C PHE A 277 -14.37 -3.32 12.45
N LYS A 278 -15.18 -3.92 13.33
CA LYS A 278 -15.85 -3.17 14.37
C LYS A 278 -14.85 -2.48 15.29
N GLU A 279 -13.76 -3.18 15.65
N GLU A 279 -13.75 -3.16 15.65
CA GLU A 279 -12.72 -2.60 16.49
CA GLU A 279 -12.75 -2.58 16.54
C GLU A 279 -12.15 -1.35 15.81
C GLU A 279 -12.07 -1.38 15.86
N ALA A 280 -11.83 -1.47 14.53
CA ALA A 280 -11.28 -0.37 13.80
C ALA A 280 -12.24 0.80 13.72
N ASP A 281 -13.52 0.55 13.43
CA ASP A 281 -14.56 1.56 13.44
C ASP A 281 -14.62 2.28 14.81
N ASP A 282 -14.59 1.49 15.88
N ASP A 282 -14.57 1.51 15.90
CA ASP A 282 -14.59 2.01 17.23
CA ASP A 282 -14.65 2.09 17.23
C ASP A 282 -13.40 2.93 17.48
C ASP A 282 -13.39 2.91 17.53
N PHE A 283 -12.24 2.58 16.92
CA PHE A 283 -11.06 3.41 17.14
C PHE A 283 -11.23 4.79 16.48
N PHE A 284 -11.80 4.79 15.26
CA PHE A 284 -12.07 6.03 14.54
C PHE A 284 -13.07 6.89 15.32
N THR A 285 -14.17 6.26 15.80
CA THR A 285 -15.15 7.08 16.49
C THR A 285 -14.58 7.54 17.83
N SER A 286 -13.65 6.79 18.45
CA SER A 286 -13.01 7.22 19.71
C SER A 286 -12.29 8.57 19.54
N LEU A 287 -11.81 8.85 18.33
CA LEU A 287 -11.15 10.11 18.01
C LEU A 287 -12.12 11.20 17.55
N GLY A 288 -13.43 10.93 17.61
CA GLY A 288 -14.46 11.82 17.11
C GLY A 288 -14.57 11.81 15.59
N LEU A 289 -13.94 10.81 14.93
CA LEU A 289 -14.04 10.70 13.49
C LEU A 289 -15.32 9.94 13.15
N LEU A 290 -15.55 9.72 11.84
CA LEU A 290 -16.85 9.29 11.39
C LEU A 290 -16.99 7.79 11.52
N PRO A 291 -18.17 7.26 11.92
CA PRO A 291 -18.43 5.83 11.78
C PRO A 291 -18.76 5.50 10.33
N VAL A 292 -18.47 4.26 9.91
CA VAL A 292 -18.90 3.80 8.61
C VAL A 292 -20.41 3.65 8.63
N PRO A 293 -21.11 3.90 7.51
CA PRO A 293 -22.55 3.83 7.49
C PRO A 293 -23.06 2.40 7.62
N PRO A 294 -24.34 2.20 8.00
CA PRO A 294 -24.92 0.87 8.04
C PRO A 294 -24.73 0.09 6.75
N GLU A 295 -24.75 0.81 5.62
CA GLU A 295 -24.66 0.22 4.29
C GLU A 295 -23.35 -0.56 4.15
N PHE A 296 -22.28 -0.01 4.75
CA PHE A 296 -20.96 -0.64 4.69
C PHE A 296 -21.02 -2.08 5.24
N TRP A 297 -21.77 -2.29 6.33
CA TRP A 297 -21.83 -3.60 6.97
C TRP A 297 -22.63 -4.54 6.09
N GLN A 298 -23.58 -3.97 5.32
CA GLN A 298 -24.46 -4.78 4.49
C GLN A 298 -23.78 -5.23 3.19
N LYS A 299 -22.93 -4.39 2.63
CA LYS A 299 -22.44 -4.59 1.26
C LYS A 299 -20.98 -5.00 1.20
N SER A 300 -20.20 -4.77 2.24
CA SER A 300 -18.80 -5.14 2.20
C SER A 300 -18.63 -6.66 2.13
N MET A 301 -17.46 -7.11 1.65
CA MET A 301 -17.01 -8.48 1.64
C MET A 301 -15.82 -8.55 2.58
N LEU A 302 -16.06 -8.98 3.82
CA LEU A 302 -15.03 -8.92 4.85
C LEU A 302 -14.38 -10.30 5.08
N GLU A 303 -14.80 -11.32 4.33
N GLU A 303 -14.85 -11.35 4.39
CA GLU A 303 -14.06 -12.56 4.36
CA GLU A 303 -14.13 -12.61 4.44
C GLU A 303 -14.18 -13.26 3.03
C GLU A 303 -14.23 -13.31 3.08
N LYS A 304 -13.31 -14.24 2.80
CA LYS A 304 -13.32 -14.97 1.54
C LYS A 304 -14.61 -15.78 1.46
N PRO A 305 -15.34 -15.73 0.33
CA PRO A 305 -16.57 -16.49 0.25
C PRO A 305 -16.31 -18.00 0.36
N THR A 306 -17.27 -18.74 0.93
CA THR A 306 -17.14 -20.18 1.05
C THR A 306 -17.99 -20.86 -0.02
N ASP A 307 -18.64 -20.05 -0.87
CA ASP A 307 -19.77 -20.52 -1.67
C ASP A 307 -19.27 -21.02 -3.02
N GLY A 308 -17.95 -20.87 -3.31
CA GLY A 308 -17.39 -21.32 -4.58
C GLY A 308 -16.74 -20.17 -5.36
N ARG A 309 -17.53 -19.11 -5.63
CA ARG A 309 -17.03 -17.86 -6.22
C ARG A 309 -15.50 -17.70 -6.10
N GLU A 310 -14.87 -17.38 -7.22
CA GLU A 310 -13.51 -16.89 -7.28
C GLU A 310 -13.59 -15.37 -7.10
N VAL A 311 -12.66 -14.82 -6.32
CA VAL A 311 -12.62 -13.39 -6.01
C VAL A 311 -11.17 -12.89 -6.07
N VAL A 312 -11.04 -11.56 -6.19
CA VAL A 312 -9.78 -10.84 -5.98
C VAL A 312 -9.68 -10.67 -4.46
N CYS A 313 -8.84 -11.46 -3.81
CA CYS A 313 -8.74 -11.37 -2.36
C CYS A 313 -8.01 -10.09 -1.94
N HIS A 314 -7.03 -9.62 -2.70
CA HIS A 314 -6.08 -8.61 -2.14
C HIS A 314 -6.89 -7.42 -1.61
N ALA A 315 -6.67 -7.09 -0.33
CA ALA A 315 -7.55 -6.17 0.38
C ALA A 315 -7.64 -4.78 -0.29
N SER A 316 -8.86 -4.23 -0.40
CA SER A 316 -9.02 -2.90 -0.95
C SER A 316 -10.29 -2.23 -0.40
N ALA A 317 -10.28 -0.91 -0.52
CA ALA A 317 -11.31 0.01 -0.09
C ALA A 317 -11.91 0.77 -1.26
N TRP A 318 -13.25 0.82 -1.29
CA TRP A 318 -14.00 1.26 -2.47
C TRP A 318 -14.93 2.42 -2.16
N ASP A 319 -14.82 3.46 -2.99
CA ASP A 319 -15.75 4.57 -3.01
C ASP A 319 -16.63 4.44 -4.26
N PHE A 320 -17.94 4.42 -4.04
CA PHE A 320 -18.92 4.33 -5.11
C PHE A 320 -19.43 5.69 -5.59
N TYR A 321 -18.77 6.78 -5.17
CA TYR A 321 -19.00 8.14 -5.69
C TYR A 321 -20.43 8.65 -5.53
N ASN A 322 -21.14 8.28 -4.47
CA ASN A 322 -22.46 8.84 -4.24
C ASN A 322 -22.56 9.44 -2.85
N GLY A 323 -21.43 9.50 -2.12
CA GLY A 323 -21.42 10.07 -0.78
C GLY A 323 -22.05 9.18 0.30
N LYS A 324 -22.41 7.93 -0.03
CA LYS A 324 -23.19 7.09 0.84
C LYS A 324 -22.67 5.64 0.93
N ASP A 325 -22.19 5.10 -0.20
CA ASP A 325 -21.81 3.69 -0.37
C ASP A 325 -20.28 3.62 -0.43
N PHE A 326 -19.73 3.05 0.65
CA PHE A 326 -18.33 2.78 0.81
C PHE A 326 -18.17 1.34 1.26
N ARG A 327 -17.20 0.60 0.71
CA ARG A 327 -17.09 -0.82 1.02
C ARG A 327 -15.63 -1.25 1.15
N ILE A 328 -15.36 -2.26 1.99
CA ILE A 328 -14.09 -2.96 1.92
C ILE A 328 -14.35 -4.37 1.36
N LYS A 329 -13.35 -4.82 0.58
CA LYS A 329 -13.25 -6.17 0.07
C LYS A 329 -11.93 -6.80 0.54
N GLN A 330 -11.97 -7.65 1.55
CA GLN A 330 -10.77 -8.27 2.09
C GLN A 330 -11.07 -9.72 2.49
N CYS A 331 -10.14 -10.62 2.15
CA CYS A 331 -10.24 -12.01 2.58
C CYS A 331 -9.61 -12.14 3.95
N THR A 332 -10.32 -11.59 4.95
CA THR A 332 -9.69 -11.38 6.25
C THR A 332 -9.39 -12.71 6.96
N THR A 333 -8.19 -12.79 7.58
CA THR A 333 -7.80 -13.87 8.49
C THR A 333 -7.74 -13.28 9.90
N VAL A 334 -8.08 -14.09 10.92
CA VAL A 334 -8.06 -13.61 12.28
C VAL A 334 -6.63 -13.72 12.84
N ASN A 335 -5.95 -12.60 12.77
CA ASN A 335 -4.62 -12.40 13.33
C ASN A 335 -4.33 -10.90 13.39
N LEU A 336 -3.25 -10.56 14.09
CA LEU A 336 -2.92 -9.17 14.30
C LEU A 336 -2.45 -8.50 13.01
N GLU A 337 -1.72 -9.20 12.14
CA GLU A 337 -1.29 -8.66 10.87
C GLU A 337 -2.50 -8.16 10.09
N ASP A 338 -3.51 -9.02 10.00
CA ASP A 338 -4.72 -8.68 9.27
C ASP A 338 -5.54 -7.61 9.99
N LEU A 339 -5.49 -7.55 11.32
CA LEU A 339 -6.12 -6.43 12.03
C LEU A 339 -5.48 -5.11 11.59
N VAL A 340 -4.15 -5.09 11.45
CA VAL A 340 -3.44 -3.91 10.91
C VAL A 340 -3.88 -3.58 9.48
N VAL A 341 -4.03 -4.61 8.65
CA VAL A 341 -4.56 -4.36 7.31
C VAL A 341 -5.99 -3.78 7.38
N ALA A 342 -6.82 -4.37 8.25
CA ALA A 342 -8.19 -3.85 8.35
C ALA A 342 -8.18 -2.37 8.72
N HIS A 343 -7.31 -1.97 9.63
CA HIS A 343 -7.21 -0.54 9.98
C HIS A 343 -6.69 0.29 8.82
N HIS A 344 -5.69 -0.20 8.10
CA HIS A 344 -5.22 0.43 6.86
C HIS A 344 -6.42 0.75 5.94
N GLU A 345 -7.22 -0.30 5.65
CA GLU A 345 -8.37 -0.16 4.78
C GLU A 345 -9.40 0.80 5.34
N MET A 346 -9.66 0.72 6.63
CA MET A 346 -10.63 1.62 7.22
C MET A 346 -10.19 3.08 7.17
N GLY A 347 -8.88 3.35 7.16
CA GLY A 347 -8.42 4.69 6.90
C GLY A 347 -8.80 5.24 5.52
N HIS A 348 -8.75 4.40 4.46
CA HIS A 348 -9.25 4.82 3.18
C HIS A 348 -10.72 5.19 3.22
N ILE A 349 -11.51 4.33 3.90
CA ILE A 349 -12.93 4.60 4.00
C ILE A 349 -13.11 5.93 4.74
N GLN A 350 -12.36 6.16 5.80
CA GLN A 350 -12.51 7.39 6.52
C GLN A 350 -12.22 8.60 5.66
N TYR A 351 -11.19 8.55 4.84
CA TYR A 351 -10.90 9.60 3.88
C TYR A 351 -12.05 9.84 2.89
N PHE A 352 -12.58 8.75 2.36
CA PHE A 352 -13.72 8.86 1.44
C PHE A 352 -14.86 9.64 2.09
N MET A 353 -15.16 9.28 3.35
CA MET A 353 -16.26 9.93 4.07
C MET A 353 -15.97 11.42 4.33
N GLN A 354 -14.73 11.76 4.62
CA GLN A 354 -14.38 13.08 5.04
C GLN A 354 -14.42 14.01 3.84
N TYR A 355 -14.09 13.57 2.64
CA TYR A 355 -14.08 14.48 1.51
C TYR A 355 -15.28 14.28 0.60
N LYS A 356 -16.35 13.62 1.09
CA LYS A 356 -17.46 13.26 0.22
C LYS A 356 -18.24 14.46 -0.29
N ASP A 357 -18.12 15.63 0.33
CA ASP A 357 -18.86 16.79 -0.16
C ASP A 357 -18.08 17.66 -1.17
N LEU A 358 -16.83 17.33 -1.49
CA LEU A 358 -16.09 18.02 -2.53
C LEU A 358 -16.59 17.59 -3.89
N PRO A 359 -16.40 18.41 -4.94
CA PRO A 359 -16.49 17.94 -6.31
C PRO A 359 -15.66 16.69 -6.54
N VAL A 360 -16.15 15.73 -7.33
CA VAL A 360 -15.48 14.45 -7.45
C VAL A 360 -14.01 14.59 -7.89
N ALA A 361 -13.71 15.54 -8.81
CA ALA A 361 -12.37 15.74 -9.29
C ALA A 361 -11.40 16.04 -8.12
N LEU A 362 -11.93 16.51 -6.98
CA LEU A 362 -11.07 16.78 -5.85
C LEU A 362 -11.23 15.76 -4.72
N ARG A 363 -11.90 14.66 -4.99
CA ARG A 363 -12.04 13.53 -4.06
C ARG A 363 -10.87 12.55 -4.17
N GLU A 364 -9.74 13.01 -3.64
CA GLU A 364 -8.51 12.23 -3.50
C GLU A 364 -7.77 12.73 -2.28
N GLY A 365 -6.73 11.97 -1.86
CA GLY A 365 -5.94 12.43 -0.75
C GLY A 365 -5.05 13.59 -1.18
N ALA A 366 -4.51 14.34 -0.20
CA ALA A 366 -3.66 15.48 -0.55
C ALA A 366 -2.56 15.08 -1.52
N ASN A 367 -1.97 13.93 -1.26
CA ASN A 367 -1.24 13.16 -2.25
C ASN A 367 -1.56 11.70 -1.98
N PRO A 368 -1.20 10.74 -2.86
CA PRO A 368 -1.52 9.35 -2.60
C PRO A 368 -0.97 8.74 -1.33
N GLY A 369 0.18 9.20 -0.86
CA GLY A 369 0.72 8.76 0.40
C GLY A 369 -0.14 9.14 1.58
N PHE A 370 -0.79 10.30 1.54
CA PHE A 370 -1.68 10.68 2.63
C PHE A 370 -2.84 9.67 2.75
N HIS A 371 -3.38 9.18 1.61
CA HIS A 371 -4.50 8.26 1.65
C HIS A 371 -4.06 6.94 2.28
N GLU A 372 -2.84 6.50 2.01
CA GLU A 372 -2.27 5.29 2.56
C GLU A 372 -1.90 5.45 4.03
N ALA A 373 -1.65 6.66 4.53
CA ALA A 373 -1.13 6.82 5.88
C ALA A 373 -2.23 6.77 6.97
N ILE A 374 -3.46 7.22 6.68
CA ILE A 374 -4.39 7.49 7.78
C ILE A 374 -4.65 6.27 8.64
N GLY A 375 -4.97 5.13 8.01
CA GLY A 375 -5.31 3.95 8.77
C GLY A 375 -4.10 3.43 9.53
N ASP A 376 -2.92 3.52 8.93
CA ASP A 376 -1.70 3.08 9.58
C ASP A 376 -1.39 3.88 10.84
N VAL A 377 -1.73 5.18 10.87
CA VAL A 377 -1.48 5.94 12.07
C VAL A 377 -2.23 5.38 13.26
N LEU A 378 -3.53 5.06 13.05
CA LEU A 378 -4.31 4.43 14.12
C LEU A 378 -3.74 3.07 14.51
N ALA A 379 -3.32 2.28 13.52
CA ALA A 379 -2.75 0.98 13.84
C ALA A 379 -1.45 1.06 14.65
N LEU A 380 -0.69 2.16 14.53
CA LEU A 380 0.50 2.25 15.37
C LEU A 380 0.08 2.19 16.85
N SER A 381 -1.01 2.87 17.19
CA SER A 381 -1.51 2.88 18.57
C SER A 381 -2.12 1.53 18.98
N VAL A 382 -2.86 0.88 18.08
CA VAL A 382 -3.42 -0.46 18.26
C VAL A 382 -2.36 -1.47 18.63
N SER A 383 -1.22 -1.37 17.98
CA SER A 383 -0.15 -2.33 18.10
C SER A 383 0.58 -2.28 19.44
N THR A 384 0.45 -1.18 20.19
CA THR A 384 1.21 -1.01 21.41
C THR A 384 0.79 -2.13 22.39
N PRO A 385 1.73 -2.64 23.20
CA PRO A 385 1.41 -3.58 24.27
C PRO A 385 0.28 -3.08 25.17
N LYS A 386 0.29 -1.77 25.50
CA LYS A 386 -0.76 -1.22 26.34
C LYS A 386 -2.13 -1.47 25.69
N HIS A 387 -2.23 -1.20 24.38
CA HIS A 387 -3.52 -1.27 23.74
C HIS A 387 -3.92 -2.75 23.54
N LEU A 388 -2.97 -3.60 23.17
CA LEU A 388 -3.28 -5.00 23.02
C LEU A 388 -3.71 -5.62 24.36
N HIS A 389 -3.12 -5.16 25.48
CA HIS A 389 -3.58 -5.59 26.79
C HIS A 389 -5.03 -5.15 27.08
N SER A 390 -5.37 -3.93 26.67
CA SER A 390 -6.71 -3.38 26.84
C SER A 390 -7.72 -4.23 26.08
N LEU A 391 -7.31 -4.86 24.97
CA LEU A 391 -8.19 -5.74 24.20
C LEU A 391 -8.13 -7.19 24.71
N ASN A 392 -7.36 -7.43 25.75
CA ASN A 392 -7.25 -8.72 26.39
C ASN A 392 -6.43 -9.73 25.59
N LEU A 393 -5.71 -9.25 24.58
CA LEU A 393 -4.98 -10.15 23.71
C LEU A 393 -3.61 -10.46 24.29
N LEU A 394 -3.15 -9.64 25.25
CA LEU A 394 -1.93 -9.85 26.02
C LEU A 394 -2.31 -9.75 27.50
N SER A 395 -1.65 -10.59 28.33
CA SER A 395 -1.65 -10.61 29.80
C SER A 395 -1.23 -9.30 30.49
N SER A 400 9.29 -2.42 31.33
CA SER A 400 10.75 -2.74 31.37
C SER A 400 11.41 -2.37 30.04
N ASP A 401 12.71 -2.03 30.13
CA ASP A 401 13.52 -1.68 28.96
C ASP A 401 13.59 -2.89 28.03
N GLU A 402 13.61 -4.11 28.62
CA GLU A 402 13.64 -5.31 27.79
C GLU A 402 12.36 -5.42 26.94
N HIS A 403 11.19 -5.26 27.57
CA HIS A 403 9.90 -5.21 26.88
C HIS A 403 9.87 -4.12 25.80
N ASP A 404 10.44 -2.94 26.09
CA ASP A 404 10.51 -1.82 25.15
C ASP A 404 11.30 -2.18 23.88
N ILE A 405 12.51 -2.71 24.07
CA ILE A 405 13.31 -3.14 22.94
C ILE A 405 12.60 -4.24 22.15
N ASN A 406 12.00 -5.22 22.83
CA ASN A 406 11.28 -6.28 22.12
C ASN A 406 10.18 -5.66 21.24
N PHE A 407 9.41 -4.73 21.81
CA PHE A 407 8.32 -4.10 21.05
C PHE A 407 8.88 -3.31 19.88
N LEU A 408 9.93 -2.51 20.13
CA LEU A 408 10.49 -1.70 19.01
C LEU A 408 11.00 -2.62 17.90
N MET A 409 11.57 -3.77 18.28
CA MET A 409 12.05 -4.74 17.30
C MET A 409 10.85 -5.25 16.47
N LYS A 410 9.75 -5.62 17.12
CA LYS A 410 8.61 -6.10 16.39
C LYS A 410 8.15 -5.03 15.40
N MET A 411 8.06 -3.79 15.86
CA MET A 411 7.63 -2.70 14.99
C MET A 411 8.60 -2.45 13.84
N ALA A 412 9.90 -2.47 14.11
CA ALA A 412 10.92 -2.25 13.11
C ALA A 412 10.90 -3.30 12.01
N LEU A 413 10.66 -4.55 12.40
CA LEU A 413 10.63 -5.65 11.45
C LEU A 413 9.58 -5.35 10.37
N ASP A 414 8.48 -4.66 10.72
CA ASP A 414 7.52 -4.28 9.69
C ASP A 414 7.90 -2.91 9.09
N LYS A 415 8.11 -1.91 9.88
CA LYS A 415 8.12 -0.53 9.37
C LYS A 415 9.45 -0.17 8.73
N ILE A 416 10.57 -0.57 9.35
CA ILE A 416 11.89 -0.26 8.80
C ILE A 416 12.20 -1.18 7.66
N ALA A 417 11.93 -2.48 7.78
CA ALA A 417 12.24 -3.39 6.67
C ALA A 417 11.49 -3.00 5.38
N PHE A 418 10.30 -2.44 5.52
CA PHE A 418 9.50 -2.04 4.37
C PHE A 418 10.05 -0.85 3.60
N ILE A 419 10.88 -0.01 4.24
CA ILE A 419 11.35 1.20 3.57
C ILE A 419 12.10 0.85 2.28
N PRO A 420 13.13 -0.03 2.25
CA PRO A 420 13.81 -0.27 0.99
C PRO A 420 12.93 -0.96 -0.04
N PHE A 421 12.03 -1.85 0.40
CA PHE A 421 11.15 -2.54 -0.53
C PHE A 421 10.22 -1.57 -1.23
N SER A 422 9.63 -0.69 -0.46
CA SER A 422 8.66 0.25 -0.99
C SER A 422 9.30 1.28 -1.89
N TYR A 423 10.58 1.56 -1.60
CA TYR A 423 11.34 2.47 -2.47
C TYR A 423 11.61 1.83 -3.83
N LEU A 424 11.99 0.55 -3.81
CA LEU A 424 12.48 -0.05 -5.02
C LEU A 424 11.40 -0.34 -6.07
N VAL A 425 10.13 -0.62 -5.68
CA VAL A 425 9.15 -1.12 -6.65
C VAL A 425 9.00 -0.14 -7.79
N ASP A 426 8.80 1.15 -7.50
CA ASP A 426 8.63 2.11 -8.59
C ASP A 426 9.95 2.62 -9.14
N GLN A 427 11.09 2.41 -8.43
CA GLN A 427 12.34 2.67 -9.12
C GLN A 427 12.45 1.73 -10.31
N TRP A 428 12.07 0.46 -10.13
CA TRP A 428 11.99 -0.50 -11.23
C TRP A 428 10.98 -0.06 -12.29
N ARG A 429 9.74 0.26 -11.87
CA ARG A 429 8.73 0.63 -12.85
C ARG A 429 9.06 1.93 -13.59
N TRP A 430 9.60 2.94 -12.90
CA TRP A 430 9.89 4.17 -13.61
C TRP A 430 10.87 3.91 -14.77
N ARG A 431 11.85 3.03 -14.53
CA ARG A 431 12.83 2.62 -15.51
C ARG A 431 12.33 1.69 -16.59
N VAL A 432 11.33 0.87 -16.26
CA VAL A 432 10.61 0.17 -17.33
C VAL A 432 9.85 1.18 -18.18
N PHE A 433 9.10 2.06 -17.54
CA PHE A 433 8.29 3.02 -18.31
C PHE A 433 9.15 3.94 -19.17
N ASP A 434 10.30 4.41 -18.67
CA ASP A 434 11.10 5.34 -19.44
C ASP A 434 11.96 4.61 -20.50
N GLY A 435 11.83 3.28 -20.60
CA GLY A 435 12.54 2.53 -21.62
C GLY A 435 13.94 2.06 -21.23
N SER A 436 14.45 2.44 -20.04
CA SER A 436 15.79 2.09 -19.57
C SER A 436 15.92 0.57 -19.39
N ILE A 437 14.82 -0.08 -18.96
CA ILE A 437 14.79 -1.53 -18.73
C ILE A 437 13.88 -2.10 -19.78
N THR A 438 14.42 -2.94 -20.66
CA THR A 438 13.62 -3.61 -21.68
C THR A 438 13.17 -4.97 -21.17
N LYS A 439 12.28 -5.59 -21.93
CA LYS A 439 11.66 -6.82 -21.47
C LYS A 439 12.72 -7.89 -21.22
N GLU A 440 13.79 -7.92 -22.03
CA GLU A 440 14.86 -8.89 -21.86
C GLU A 440 15.54 -8.77 -20.49
N ASN A 441 15.43 -7.62 -19.84
CA ASN A 441 16.16 -7.34 -18.60
C ASN A 441 15.23 -7.12 -17.42
N TYR A 442 13.91 -7.33 -17.57
CA TYR A 442 12.99 -7.03 -16.51
C TYR A 442 13.46 -7.70 -15.22
N ASN A 443 13.74 -9.01 -15.29
CA ASN A 443 13.88 -9.78 -14.05
C ASN A 443 15.27 -9.53 -13.42
N GLN A 444 16.31 -9.42 -14.26
CA GLN A 444 17.65 -9.13 -13.81
C GLN A 444 17.69 -7.78 -13.09
N GLU A 445 17.00 -6.78 -13.66
CA GLU A 445 17.04 -5.46 -13.06
C GLU A 445 16.22 -5.42 -11.76
N TRP A 446 15.16 -6.20 -11.69
CA TRP A 446 14.43 -6.36 -10.45
C TRP A 446 15.36 -6.88 -9.36
N TRP A 447 16.10 -7.95 -9.65
CA TRP A 447 16.99 -8.53 -8.66
C TRP A 447 18.18 -7.62 -8.33
N SER A 448 18.65 -6.81 -9.27
N SER A 448 18.65 -6.82 -9.28
CA SER A 448 19.76 -5.93 -8.95
CA SER A 448 19.74 -5.89 -8.99
C SER A 448 19.31 -4.86 -7.94
C SER A 448 19.30 -4.90 -7.90
N LEU A 449 18.03 -4.46 -7.99
CA LEU A 449 17.46 -3.54 -7.00
C LEU A 449 17.11 -4.23 -5.67
N ARG A 450 16.62 -5.48 -5.76
CA ARG A 450 16.41 -6.23 -4.55
C ARG A 450 17.72 -6.35 -3.75
N LEU A 451 18.80 -6.59 -4.45
CA LEU A 451 20.12 -6.60 -3.80
C LEU A 451 20.47 -5.19 -3.31
N LYS A 452 20.53 -4.22 -4.23
CA LYS A 452 21.05 -2.90 -3.88
C LYS A 452 20.33 -2.29 -2.66
N TYR A 453 19.01 -2.34 -2.64
CA TYR A 453 18.24 -1.66 -1.63
C TYR A 453 17.94 -2.54 -0.42
N GLN A 454 17.48 -3.78 -0.64
CA GLN A 454 17.08 -4.62 0.46
C GLN A 454 18.17 -5.57 0.96
N GLY A 455 19.21 -5.80 0.16
CA GLY A 455 20.26 -6.76 0.55
C GLY A 455 19.68 -8.18 0.64
N LEU A 456 18.84 -8.53 -0.35
CA LEU A 456 18.31 -9.86 -0.54
C LEU A 456 18.85 -10.50 -1.83
N PRO A 458 17.89 -14.20 -4.39
CA PRO A 458 16.91 -15.24 -4.60
C PRO A 458 17.51 -16.61 -4.26
N PRO A 459 16.77 -17.48 -3.56
CA PRO A 459 17.28 -18.77 -3.11
C PRO A 459 17.52 -19.78 -4.24
N VAL A 460 16.85 -19.55 -5.38
CA VAL A 460 17.05 -20.36 -6.56
C VAL A 460 17.34 -19.44 -7.72
N PRO A 461 18.41 -19.72 -8.48
CA PRO A 461 18.72 -18.87 -9.62
C PRO A 461 17.53 -18.66 -10.54
N ARG A 462 17.36 -17.44 -11.02
CA ARG A 462 16.22 -17.16 -11.89
C ARG A 462 16.56 -17.66 -13.29
N THR A 463 15.55 -17.93 -14.08
CA THR A 463 15.76 -18.59 -15.37
C THR A 463 14.99 -17.85 -16.45
N GLN A 464 15.22 -18.25 -17.70
CA GLN A 464 14.45 -17.70 -18.80
C GLN A 464 12.97 -17.82 -18.52
N GLY A 465 12.28 -16.73 -18.77
CA GLY A 465 10.84 -16.80 -18.60
C GLY A 465 10.34 -16.37 -17.23
N ASP A 466 11.24 -16.22 -16.26
CA ASP A 466 10.78 -15.72 -14.98
C ASP A 466 10.42 -14.22 -15.10
N PHE A 467 9.45 -13.83 -14.25
CA PHE A 467 8.98 -12.46 -14.14
C PHE A 467 8.45 -12.29 -12.73
N ASP A 468 9.41 -12.25 -11.81
CA ASP A 468 9.12 -12.17 -10.38
C ASP A 468 8.32 -10.95 -10.02
N PRO A 469 8.49 -9.76 -10.68
CA PRO A 469 7.60 -8.65 -10.34
C PRO A 469 6.11 -8.96 -10.51
N GLY A 470 5.82 -9.81 -11.49
CA GLY A 470 4.45 -10.20 -11.74
C GLY A 470 3.78 -10.95 -10.58
N ALA A 471 4.60 -11.46 -9.65
CA ALA A 471 4.10 -12.18 -8.49
C ALA A 471 3.78 -11.25 -7.32
N LYS A 472 3.83 -9.91 -7.57
CA LYS A 472 3.48 -8.92 -6.57
C LYS A 472 2.27 -8.16 -7.06
N PHE A 473 1.17 -8.17 -6.29
CA PHE A 473 -0.13 -7.71 -6.73
C PHE A 473 -0.10 -6.40 -7.53
N HIS A 474 0.59 -5.36 -7.04
CA HIS A 474 0.46 -4.03 -7.62
C HIS A 474 1.03 -3.95 -9.03
N ILE A 475 1.86 -4.95 -9.41
CA ILE A 475 2.41 -5.00 -10.74
C ILE A 475 1.34 -5.34 -11.78
N PRO A 476 0.73 -6.52 -11.73
CA PRO A 476 -0.35 -6.85 -12.68
C PRO A 476 -1.57 -5.95 -12.49
N SER A 477 -1.82 -5.42 -11.28
CA SER A 477 -2.99 -4.57 -11.04
C SER A 477 -2.75 -3.08 -11.39
N SER A 478 -1.51 -2.75 -11.78
CA SER A 478 -1.17 -1.37 -12.19
C SER A 478 -1.54 -0.35 -11.13
N VAL A 479 -1.09 -0.64 -9.91
CA VAL A 479 -1.29 0.25 -8.79
C VAL A 479 0.09 0.82 -8.43
N PRO A 480 0.26 2.18 -8.46
CA PRO A 480 1.51 2.78 -8.08
C PRO A 480 1.92 2.40 -6.66
N TYR A 481 3.25 2.35 -6.44
CA TYR A 481 3.78 1.88 -5.16
C TYR A 481 4.44 2.96 -4.28
N ILE A 482 4.98 4.04 -4.89
CA ILE A 482 5.77 4.95 -4.09
C ILE A 482 4.89 5.56 -2.98
N ARG A 483 3.58 5.58 -3.18
CA ARG A 483 2.67 6.00 -2.10
C ARG A 483 2.94 5.29 -0.77
N TYR A 484 3.38 4.04 -0.78
CA TYR A 484 3.56 3.30 0.47
C TYR A 484 4.87 3.72 1.14
N PHE A 485 5.88 4.04 0.35
CA PHE A 485 7.13 4.60 0.89
C PHE A 485 6.84 5.94 1.60
N VAL A 486 6.14 6.83 0.85
CA VAL A 486 5.73 8.11 1.43
C VAL A 486 4.96 7.86 2.74
N SER A 487 3.94 6.96 2.68
CA SER A 487 3.11 6.64 3.82
C SER A 487 3.94 6.22 5.04
N PHE A 488 4.89 5.34 4.84
CA PHE A 488 5.59 4.80 5.98
C PHE A 488 6.48 5.87 6.64
N ILE A 489 6.95 6.89 5.89
CA ILE A 489 7.60 8.04 6.52
C ILE A 489 6.60 8.98 7.19
N ILE A 490 5.59 9.44 6.45
CA ILE A 490 4.74 10.49 6.96
C ILE A 490 3.86 9.98 8.11
N GLN A 491 3.51 8.66 8.13
CA GLN A 491 2.64 8.18 9.20
C GLN A 491 3.31 8.44 10.54
N PHE A 492 4.65 8.33 10.63
CA PHE A 492 5.31 8.63 11.88
C PHE A 492 5.25 10.13 12.21
N GLN A 493 5.37 11.02 11.19
CA GLN A 493 5.18 12.46 11.38
C GLN A 493 3.79 12.74 11.94
N PHE A 494 2.75 12.03 11.42
CA PHE A 494 1.40 12.23 11.90
C PHE A 494 1.26 11.69 13.32
N HIS A 495 1.78 10.50 13.59
CA HIS A 495 1.76 9.94 14.95
C HIS A 495 2.39 10.94 15.94
N GLU A 496 3.60 11.42 15.63
CA GLU A 496 4.26 12.42 16.48
C GLU A 496 3.38 13.62 16.75
N ALA A 497 2.69 14.14 15.72
CA ALA A 497 1.92 15.33 15.88
C ALA A 497 0.66 15.05 16.70
N LEU A 498 -0.01 13.93 16.38
CA LEU A 498 -1.24 13.62 17.11
C LEU A 498 -0.96 13.27 18.56
N CYS A 499 0.16 12.61 18.83
CA CYS A 499 0.57 12.31 20.21
C CYS A 499 0.84 13.61 20.98
N GLN A 500 1.49 14.60 20.34
CA GLN A 500 1.65 15.92 20.93
C GLN A 500 0.29 16.57 21.19
N ALA A 501 -0.61 16.52 20.20
CA ALA A 501 -1.93 17.13 20.36
C ALA A 501 -2.71 16.50 21.55
N ALA A 502 -2.57 15.19 21.70
CA ALA A 502 -3.21 14.40 22.76
C ALA A 502 -2.53 14.59 24.12
N GLY A 503 -1.44 15.36 24.18
CA GLY A 503 -0.70 15.64 25.40
C GLY A 503 0.26 14.56 25.87
N HIS A 504 0.67 13.64 24.98
CA HIS A 504 1.56 12.57 25.38
C HIS A 504 2.95 13.19 25.60
N THR A 505 3.60 12.79 26.68
CA THR A 505 5.00 13.11 26.88
C THR A 505 5.78 11.79 26.99
N GLY A 506 7.08 11.91 26.88
CA GLY A 506 7.90 10.73 27.00
C GLY A 506 7.94 9.95 25.68
N PRO A 507 8.53 8.75 25.66
CA PRO A 507 8.95 8.16 24.39
C PRO A 507 7.80 7.99 23.41
N LEU A 508 8.03 8.41 22.17
CA LEU A 508 6.94 8.43 21.20
C LEU A 508 6.35 7.02 21.02
N HIS A 509 7.18 5.98 21.06
CA HIS A 509 6.68 4.63 20.86
C HIS A 509 5.69 4.21 21.95
N LYS A 510 5.58 4.95 23.08
CA LYS A 510 4.66 4.58 24.16
C LYS A 510 3.29 5.23 23.97
N CYS A 511 3.18 6.07 22.93
CA CYS A 511 1.95 6.81 22.66
C CYS A 511 0.83 5.90 22.15
N ASP A 512 -0.37 6.13 22.69
CA ASP A 512 -1.63 5.58 22.19
C ASP A 512 -2.62 6.73 22.13
N ILE A 513 -3.16 7.02 20.91
CA ILE A 513 -4.04 8.18 20.75
C ILE A 513 -5.51 7.81 20.98
N TYR A 514 -5.82 6.53 21.30
CA TYR A 514 -7.19 6.10 21.56
C TYR A 514 -7.91 7.13 22.42
N GLN A 515 -9.12 7.50 21.99
CA GLN A 515 -10.04 8.40 22.68
C GLN A 515 -9.63 9.85 22.56
N SER A 516 -8.56 10.19 21.82
CA SER A 516 -8.17 11.60 21.72
C SER A 516 -9.00 12.34 20.67
N LYS A 517 -9.93 13.19 21.08
CA LYS A 517 -10.69 14.00 20.11
C LYS A 517 -9.83 15.07 19.48
N GLU A 518 -8.80 15.53 20.19
CA GLU A 518 -7.86 16.51 19.65
C GLU A 518 -7.05 15.91 18.50
N ALA A 519 -6.62 14.65 18.66
CA ALA A 519 -5.95 13.98 17.57
C ALA A 519 -6.89 13.82 16.37
N GLY A 520 -8.12 13.40 16.61
CA GLY A 520 -9.08 13.24 15.53
C GLY A 520 -9.26 14.54 14.76
N GLN A 521 -9.42 15.67 15.48
CA GLN A 521 -9.74 16.90 14.80
C GLN A 521 -8.58 17.32 13.87
N ARG A 522 -7.32 17.15 14.31
CA ARG A 522 -6.18 17.40 13.43
C ARG A 522 -6.33 16.64 12.12
N LEU A 523 -6.63 15.34 12.21
CA LEU A 523 -6.70 14.57 10.98
C LEU A 523 -7.89 14.96 10.11
N ALA A 524 -9.02 15.19 10.74
CA ALA A 524 -10.24 15.51 9.98
C ALA A 524 -10.05 16.77 9.15
N THR A 525 -9.48 17.82 9.77
CA THR A 525 -9.27 19.09 9.07
C THR A 525 -8.47 18.88 7.78
N ALA A 526 -7.46 18.01 7.82
CA ALA A 526 -6.63 17.79 6.65
C ALA A 526 -7.37 16.92 5.62
N MET A 527 -8.07 15.88 6.09
CA MET A 527 -8.75 14.96 5.17
C MET A 527 -9.83 15.72 4.40
N LYS A 528 -10.52 16.65 5.06
CA LYS A 528 -11.61 17.37 4.44
C LYS A 528 -11.15 18.21 3.27
N LEU A 529 -9.87 18.52 3.19
CA LEU A 529 -9.31 19.25 2.06
C LEU A 529 -9.31 18.41 0.78
N GLY A 530 -9.33 17.09 0.89
CA GLY A 530 -9.22 16.33 -0.34
C GLY A 530 -7.94 16.69 -1.08
N PHE A 531 -8.12 16.87 -2.41
CA PHE A 531 -7.07 17.27 -3.32
C PHE A 531 -7.19 18.75 -3.68
N SER A 532 -7.86 19.55 -2.81
CA SER A 532 -8.19 20.91 -3.16
C SER A 532 -6.95 21.82 -3.07
N ARG A 533 -5.93 21.45 -2.27
CA ARG A 533 -4.82 22.35 -1.95
C ARG A 533 -3.50 21.60 -2.11
N PRO A 534 -2.40 22.30 -2.45
CA PRO A 534 -1.09 21.67 -2.44
C PRO A 534 -0.88 20.84 -1.18
N TRP A 535 -0.30 19.65 -1.30
CA TRP A 535 -0.20 18.76 -0.15
C TRP A 535 0.60 19.37 1.00
N PRO A 536 1.60 20.26 0.81
CA PRO A 536 2.26 20.81 1.98
C PRO A 536 1.36 21.53 2.95
N GLU A 537 0.24 22.06 2.43
CA GLU A 537 -0.71 22.75 3.30
C GLU A 537 -1.32 21.75 4.28
N ALA A 538 -1.69 20.57 3.77
CA ALA A 538 -2.23 19.52 4.62
C ALA A 538 -1.17 19.03 5.60
N MET A 539 0.08 18.85 5.15
CA MET A 539 1.18 18.47 6.01
C MET A 539 1.32 19.46 7.17
N GLN A 540 1.23 20.76 6.86
CA GLN A 540 1.40 21.80 7.87
C GLN A 540 0.21 21.80 8.83
N LEU A 541 -1.00 21.60 8.31
CA LEU A 541 -2.19 21.53 9.19
C LEU A 541 -1.99 20.46 10.26
N ILE A 542 -1.47 19.30 9.85
CA ILE A 542 -1.34 18.18 10.80
C ILE A 542 -0.14 18.39 11.71
N THR A 543 0.99 18.84 11.13
CA THR A 543 2.24 18.73 11.88
C THR A 543 2.80 20.06 12.39
N GLY A 544 2.45 21.17 11.71
CA GLY A 544 3.05 22.46 11.98
C GLY A 544 4.24 22.83 11.10
N GLN A 545 4.57 21.93 10.15
CA GLN A 545 5.63 22.18 9.18
C GLN A 545 5.24 21.50 7.86
N PRO A 546 5.81 21.93 6.71
CA PRO A 546 5.31 21.57 5.39
C PRO A 546 5.99 20.42 4.68
N GLN A 547 7.07 19.85 5.24
N GLN A 547 7.01 19.80 5.28
CA GLN A 547 7.91 18.93 4.48
CA GLN A 547 7.87 18.90 4.54
C GLN A 547 7.64 17.48 4.92
C GLN A 547 7.60 17.44 4.92
N MET A 548 8.00 16.52 4.01
CA MET A 548 8.21 15.13 4.40
C MET A 548 9.55 15.09 5.14
N SER A 549 9.59 14.32 6.24
CA SER A 549 10.80 14.25 7.07
C SER A 549 10.85 12.90 7.76
N ALA A 550 12.03 12.28 7.73
CA ALA A 550 12.27 11.04 8.46
C ALA A 550 12.53 11.25 9.95
N SER A 551 12.59 12.50 10.42
N SER A 551 12.56 12.50 10.42
CA SER A 551 12.94 12.73 11.81
CA SER A 551 12.93 12.76 11.81
C SER A 551 12.02 11.93 12.74
C SER A 551 12.01 12.04 12.80
N ALA A 552 10.69 11.98 12.49
CA ALA A 552 9.76 11.39 13.44
C ALA A 552 9.96 9.87 13.55
N MET A 553 10.14 9.22 12.40
CA MET A 553 10.41 7.77 12.36
C MET A 553 11.71 7.46 13.07
N LEU A 554 12.72 8.30 12.84
CA LEU A 554 13.99 8.11 13.54
C LEU A 554 13.83 8.27 15.03
N SER A 555 13.04 9.26 15.44
N SER A 555 13.06 9.27 15.46
CA SER A 555 12.82 9.51 16.86
CA SER A 555 12.86 9.48 16.87
C SER A 555 12.15 8.31 17.53
C SER A 555 12.15 8.28 17.54
N TYR A 556 11.12 7.77 16.86
CA TYR A 556 10.40 6.62 17.34
C TYR A 556 11.36 5.47 17.61
N PHE A 557 12.26 5.21 16.65
CA PHE A 557 13.14 4.06 16.73
C PHE A 557 14.51 4.32 17.36
N LYS A 558 14.75 5.54 17.86
CA LYS A 558 16.05 5.85 18.45
C LYS A 558 16.54 4.78 19.41
N PRO A 559 15.74 4.34 20.43
CA PRO A 559 16.28 3.38 21.40
C PRO A 559 16.68 2.06 20.76
N LEU A 560 15.97 1.68 19.67
CA LEU A 560 16.35 0.49 18.93
C LEU A 560 17.63 0.68 18.09
N LEU A 561 17.79 1.84 17.45
CA LEU A 561 19.03 2.11 16.74
C LEU A 561 20.23 1.94 17.69
N ASP A 562 20.08 2.53 18.88
CA ASP A 562 21.17 2.46 19.86
C ASP A 562 21.47 1.01 20.25
N TRP A 563 20.42 0.26 20.53
CA TRP A 563 20.53 -1.14 20.95
C TRP A 563 21.14 -1.98 19.85
N LEU A 564 20.70 -1.75 18.60
CA LEU A 564 21.18 -2.57 17.49
C LEU A 564 22.65 -2.28 17.24
N ARG A 565 23.07 -1.01 17.34
CA ARG A 565 24.47 -0.74 17.07
C ARG A 565 25.39 -1.41 18.12
N THR A 566 25.00 -1.34 19.39
CA THR A 566 25.77 -1.98 20.44
C THR A 566 25.81 -3.50 20.24
N GLU A 567 24.64 -4.10 19.98
CA GLU A 567 24.55 -5.53 19.75
C GLU A 567 25.37 -5.98 18.54
N ASN A 568 25.26 -5.27 17.41
CA ASN A 568 26.00 -5.65 16.23
C ASN A 568 27.52 -5.48 16.43
N GLU A 569 27.92 -4.42 17.15
CA GLU A 569 29.35 -4.23 17.43
C GLU A 569 29.92 -5.36 18.29
N LEU A 570 29.12 -5.85 19.25
CA LEU A 570 29.57 -6.91 20.14
C LEU A 570 29.79 -8.20 19.36
N HIS A 571 29.03 -8.43 18.28
CA HIS A 571 29.20 -9.59 17.41
C HIS A 571 30.13 -9.34 16.24
N GLY A 572 30.74 -8.15 16.17
CA GLY A 572 31.65 -7.82 15.09
C GLY A 572 31.02 -7.83 13.69
N GLU A 573 29.75 -7.43 13.60
CA GLU A 573 29.06 -7.53 12.34
C GLU A 573 29.62 -6.53 11.33
N LYS A 574 29.61 -6.97 10.07
CA LYS A 574 29.98 -6.17 8.93
C LYS A 574 28.67 -5.76 8.26
N LEU A 575 28.26 -4.50 8.48
CA LEU A 575 27.02 -4.04 7.90
C LEU A 575 27.14 -4.12 6.39
N GLY A 576 25.98 -4.33 5.78
CA GLY A 576 25.81 -4.34 4.35
C GLY A 576 26.26 -5.67 3.76
N TRP A 577 26.54 -5.63 2.45
CA TRP A 577 26.78 -6.83 1.68
C TRP A 577 27.55 -6.46 0.42
N PRO A 578 28.06 -7.20 -0.57
CA PRO A 578 28.74 -6.73 -1.84
C PRO A 578 27.70 -6.23 -2.88
#